data_4A2H
#
_entry.id   4A2H
#
_cell.length_a   56.470
_cell.length_b   86.210
_cell.length_c   152.240
_cell.angle_alpha   90.00
_cell.angle_beta   90.00
_cell.angle_gamma   90.00
#
_symmetry.space_group_name_H-M   'P 21 21 21'
#
loop_
_entity.id
_entity.type
_entity.pdbx_description
1 polymer LACCASE
2 branched 2-acetamido-2-deoxy-beta-D-glucopyranose-(1-4)-2-acetamido-2-deoxy-beta-D-glucopyranose
3 non-polymer 2-acetamido-2-deoxy-beta-D-glucopyranose
4 non-polymer 'COPPER (II) ION'
5 non-polymer beta-D-mannopyranose
6 water water
#
_entity_poly.entity_id   1
_entity_poly.type   'polypeptide(L)'
_entity_poly.pdbx_seq_one_letter_code
;AIGPVADLTISNGAVSPDGFSRQAILVNDVFPSPLITGNKGDRFQLNVIDNMTNHTMLKSTSIHWHGFFQHGTNWADGPA
FVNQCPISTGHAFLYDFQVPDQAGTFWYHSHLSTQYCDGLRGPIVVYDPNDPHASLYDVDDDSTVITLADWYHLAAKVGA
PVPTADATLINGLGRSAATLAADLAVITVTKGKRYRFRLVSLSCDPNYTFSIDGHSLTVIEADSVNLKPHTVDSLQIFAA
QRYSFVLNADQDVDNYWIRALPNSGTQNFAGGTNSAILRYDGAAPVEPTTSQTPSTNPLVESALTTLKGTAAPGSPTPGG
VDLALNMAFGFAGGNFTINGASFTPPTVPVLLQILSGAQSAADLLPAGSVYSLPANADIEISLPATAAAPGFPHPFHLHG
HVFAVVRSAGSSTYNYANPVYRDVVSTGAPGDNVTIRFRTDNPGPWFLHCHIDFHLEAGFAVVMAEDIPDVAATNPVPQA
WSDLCPTYDALSPDDQ
;
_entity_poly.pdbx_strand_id   A
#
loop_
_chem_comp.id
_chem_comp.type
_chem_comp.name
_chem_comp.formula
BMA D-saccharide, beta linking beta-D-mannopyranose 'C6 H12 O6'
CU non-polymer 'COPPER (II) ION' 'Cu 2'
NAG D-saccharide, beta linking 2-acetamido-2-deoxy-beta-D-glucopyranose 'C8 H15 N O6'
#
# COMPACT_ATOMS: atom_id res chain seq x y z
N ALA A 1 -15.34 -7.37 -7.61
CA ALA A 1 -16.39 -7.73 -8.61
C ALA A 1 -15.80 -8.05 -9.99
N ILE A 2 -14.62 -7.50 -10.32
CA ILE A 2 -13.87 -8.02 -11.48
C ILE A 2 -12.67 -8.86 -11.05
N GLY A 3 -12.21 -9.75 -11.93
CA GLY A 3 -11.02 -10.57 -11.67
C GLY A 3 -11.38 -12.00 -11.28
N PRO A 4 -10.37 -12.89 -11.20
CA PRO A 4 -8.93 -12.67 -11.34
C PRO A 4 -8.44 -12.54 -12.77
N VAL A 5 -9.29 -12.83 -13.76
CA VAL A 5 -8.96 -12.58 -15.16
C VAL A 5 -9.77 -11.39 -15.66
N ALA A 6 -9.10 -10.34 -16.14
CA ALA A 6 -9.76 -9.09 -16.47
C ALA A 6 -8.88 -8.13 -17.25
N ASP A 7 -9.50 -7.33 -18.11
CA ASP A 7 -8.85 -6.17 -18.70
C ASP A 7 -8.91 -4.96 -17.77
N LEU A 8 -7.81 -4.23 -17.66
CA LEU A 8 -7.80 -2.94 -16.97
C LEU A 8 -7.39 -1.86 -17.97
N THR A 9 -8.36 -1.09 -18.44
CA THR A 9 -8.10 -0.06 -19.42
C THR A 9 -7.86 1.25 -18.68
N ILE A 10 -6.66 1.80 -18.85
CA ILE A 10 -6.25 3.02 -18.19
C ILE A 10 -6.41 4.21 -19.15
N SER A 11 -7.06 5.27 -18.70
CA SER A 11 -7.34 6.45 -19.54
C SER A 11 -7.43 7.70 -18.68
N ASN A 12 -7.39 8.86 -19.32
CA ASN A 12 -7.57 10.12 -18.60
C ASN A 12 -9.00 10.62 -18.73
N GLY A 13 -9.46 11.35 -17.71
CA GLY A 13 -10.79 11.97 -17.72
C GLY A 13 -11.07 12.80 -16.48
N ALA A 14 -12.20 13.52 -16.52
CA ALA A 14 -12.62 14.39 -15.43
C ALA A 14 -13.33 13.62 -14.34
N VAL A 15 -13.01 13.98 -13.09
CA VAL A 15 -13.59 13.36 -11.92
C VAL A 15 -13.90 14.44 -10.87
N SER A 16 -14.90 14.18 -10.04
CA SER A 16 -15.24 15.09 -8.95
C SER A 16 -15.67 14.31 -7.70
N PRO A 17 -14.69 13.67 -7.05
CA PRO A 17 -14.98 12.82 -5.89
C PRO A 17 -15.34 13.64 -4.65
N ASP A 18 -14.96 14.91 -4.65
CA ASP A 18 -15.25 15.81 -3.54
C ASP A 18 -16.02 17.05 -4.02
N GLY A 19 -16.68 16.91 -5.17
CA GLY A 19 -17.48 17.98 -5.75
C GLY A 19 -16.70 19.03 -6.53
N PHE A 20 -15.39 18.82 -6.63
CA PHE A 20 -14.50 19.70 -7.39
C PHE A 20 -14.00 18.93 -8.62
N SER A 21 -14.21 19.48 -9.80
CA SER A 21 -13.86 18.82 -11.04
C SER A 21 -12.39 19.02 -11.39
N ARG A 22 -11.71 17.91 -11.74
CA ARG A 22 -10.32 17.95 -12.20
C ARG A 22 -10.02 16.72 -13.04
N GLN A 23 -9.05 16.87 -13.95
CA GLN A 23 -8.56 15.75 -14.76
C GLN A 23 -7.83 14.75 -13.89
N ALA A 24 -7.99 13.48 -14.21
CA ALA A 24 -7.39 12.41 -13.43
C ALA A 24 -7.25 11.13 -14.24
N ILE A 25 -6.91 10.04 -13.56
CA ILE A 25 -6.74 8.75 -14.20
C ILE A 25 -7.91 7.82 -13.88
N LEU A 26 -8.52 7.29 -14.93
CA LEU A 26 -9.62 6.34 -14.83
C LEU A 26 -9.15 4.94 -15.16
N VAL A 27 -9.81 3.96 -14.56
CA VAL A 27 -9.53 2.55 -14.79
C VAL A 27 -10.87 1.91 -15.14
N ASN A 28 -10.94 1.28 -16.31
CA ASN A 28 -12.21 0.80 -16.84
C ASN A 28 -13.29 1.92 -16.78
N ASP A 29 -12.85 3.12 -17.14
CA ASP A 29 -13.71 4.30 -17.26
C ASP A 29 -14.34 4.79 -15.96
N VAL A 30 -13.88 4.27 -14.82
CA VAL A 30 -14.39 4.76 -13.53
C VAL A 30 -13.30 5.30 -12.60
N PHE A 31 -13.74 6.19 -11.72
CA PHE A 31 -12.98 6.61 -10.57
C PHE A 31 -13.92 6.48 -9.38
N PRO A 32 -13.41 5.97 -8.24
CA PRO A 32 -12.05 5.50 -8.07
C PRO A 32 -11.86 4.13 -8.75
N SER A 33 -10.63 3.63 -8.78
CA SER A 33 -10.33 2.42 -9.51
C SER A 33 -11.12 1.25 -8.93
N PRO A 34 -11.63 0.35 -9.79
CA PRO A 34 -12.55 -0.70 -9.37
C PRO A 34 -11.89 -1.81 -8.55
N LEU A 35 -12.73 -2.50 -7.77
CA LEU A 35 -12.31 -3.58 -6.91
C LEU A 35 -12.00 -4.82 -7.73
N ILE A 36 -10.87 -5.46 -7.43
CA ILE A 36 -10.51 -6.75 -8.04
C ILE A 36 -10.56 -7.87 -6.98
N THR A 37 -11.22 -8.98 -7.30
CA THR A 37 -11.21 -10.11 -6.37
C THR A 37 -10.76 -11.43 -7.00
N GLY A 38 -10.47 -12.40 -6.15
CA GLY A 38 -10.14 -13.77 -6.52
C GLY A 38 -10.00 -14.57 -5.24
N ASN A 39 -9.66 -15.85 -5.36
CA ASN A 39 -9.52 -16.73 -4.20
C ASN A 39 -8.07 -17.13 -3.97
N LYS A 40 -7.75 -17.53 -2.74
CA LYS A 40 -6.42 -18.04 -2.40
C LYS A 40 -5.91 -19.06 -3.43
N GLY A 41 -4.70 -18.81 -3.93
CA GLY A 41 -4.06 -19.72 -4.90
C GLY A 41 -4.43 -19.55 -6.36
N ASP A 42 -5.36 -18.65 -6.67
CA ASP A 42 -5.74 -18.36 -8.05
C ASP A 42 -4.58 -17.79 -8.90
N ARG A 43 -4.70 -17.95 -10.21
CA ARG A 43 -3.88 -17.24 -11.16
C ARG A 43 -4.61 -15.94 -11.51
N PHE A 44 -3.90 -14.82 -11.39
CA PHE A 44 -4.40 -13.53 -11.85
C PHE A 44 -3.87 -13.24 -13.24
N GLN A 45 -4.77 -12.87 -14.14
CA GLN A 45 -4.36 -12.39 -15.45
C GLN A 45 -4.99 -11.04 -15.71
N LEU A 46 -4.19 -10.00 -15.46
CA LEU A 46 -4.61 -8.62 -15.54
C LEU A 46 -3.91 -7.93 -16.70
N ASN A 47 -4.68 -7.73 -17.75
CA ASN A 47 -4.23 -7.09 -18.98
C ASN A 47 -4.41 -5.60 -18.86
N VAL A 48 -3.30 -4.91 -18.64
CA VAL A 48 -3.30 -3.47 -18.47
C VAL A 48 -3.17 -2.82 -19.84
N ILE A 49 -4.27 -2.23 -20.28
CA ILE A 49 -4.35 -1.56 -21.57
C ILE A 49 -4.22 -0.05 -21.33
N ASP A 50 -3.06 0.49 -21.72
CA ASP A 50 -2.76 1.90 -21.44
C ASP A 50 -3.18 2.86 -22.56
N ASN A 51 -4.26 3.61 -22.33
CA ASN A 51 -4.76 4.60 -23.32
C ASN A 51 -4.62 6.07 -22.89
N MET A 52 -3.79 6.31 -21.87
CA MET A 52 -3.59 7.66 -21.34
C MET A 52 -2.91 8.60 -22.34
N THR A 53 -3.43 9.83 -22.44
CA THR A 53 -2.97 10.81 -23.44
C THR A 53 -2.38 12.06 -22.80
N ASN A 54 -2.36 12.08 -21.47
CA ASN A 54 -1.90 13.24 -20.71
C ASN A 54 -0.47 13.08 -20.14
N HIS A 55 0.48 13.84 -20.71
CA HIS A 55 1.89 13.74 -20.30
C HIS A 55 2.16 14.30 -18.90
N THR A 56 1.38 15.31 -18.48
CA THR A 56 1.53 15.89 -17.15
C THR A 56 1.28 14.85 -16.04
N MET A 57 0.49 13.84 -16.33
CA MET A 57 0.21 12.80 -15.34
C MET A 57 0.85 11.49 -15.81
N LEU A 58 1.67 11.62 -16.86
CA LEU A 58 2.40 10.52 -17.54
C LEU A 58 1.53 9.61 -18.39
N LYS A 59 1.89 9.47 -19.65
CA LYS A 59 1.16 8.63 -20.60
C LYS A 59 1.50 7.18 -20.38
N SER A 60 2.69 6.93 -19.84
CA SER A 60 3.16 5.59 -19.58
C SER A 60 2.57 5.17 -18.25
N THR A 61 2.65 3.87 -17.94
CA THR A 61 2.21 3.38 -16.65
C THR A 61 2.85 2.05 -16.24
N SER A 62 2.67 1.70 -14.98
CA SER A 62 3.12 0.44 -14.46
C SER A 62 2.35 0.15 -13.19
N ILE A 63 1.85 -1.07 -13.04
CA ILE A 63 1.01 -1.41 -11.87
C ILE A 63 1.71 -2.37 -10.91
N HIS A 64 1.78 -1.98 -9.65
CA HIS A 64 2.23 -2.87 -8.59
C HIS A 64 1.03 -3.49 -7.87
N TRP A 65 1.12 -4.79 -7.64
CA TRP A 65 0.08 -5.56 -6.92
C TRP A 65 0.51 -5.75 -5.48
N HIS A 66 0.07 -4.83 -4.64
CA HIS A 66 0.64 -4.64 -3.33
C HIS A 66 0.32 -5.74 -2.32
N GLY A 67 1.36 -6.42 -1.84
CA GLY A 67 1.18 -7.48 -0.86
C GLY A 67 1.51 -8.86 -1.40
N PHE A 68 1.48 -9.01 -2.72
CA PHE A 68 1.66 -10.30 -3.38
C PHE A 68 3.13 -10.63 -3.50
N PHE A 69 3.49 -11.86 -3.15
CA PHE A 69 4.90 -12.26 -3.08
C PHE A 69 5.57 -12.30 -4.46
N GLN A 70 4.78 -12.64 -5.47
CA GLN A 70 5.26 -12.69 -6.85
C GLN A 70 6.47 -13.61 -7.01
N HIS A 71 6.48 -14.70 -6.25
CA HIS A 71 7.53 -15.72 -6.33
C HIS A 71 7.55 -16.33 -7.73
N GLY A 72 8.70 -16.25 -8.39
CA GLY A 72 8.83 -16.76 -9.76
C GLY A 72 8.38 -15.78 -10.82
N THR A 73 7.63 -14.74 -10.39
CA THR A 73 7.13 -13.70 -11.29
C THR A 73 7.54 -12.29 -10.82
N ASN A 74 8.83 -12.12 -10.53
CA ASN A 74 9.38 -10.82 -10.18
C ASN A 74 9.18 -9.75 -11.28
N TRP A 75 9.18 -10.19 -12.55
CA TRP A 75 8.92 -9.30 -13.69
C TRP A 75 7.55 -8.62 -13.65
N ALA A 76 6.65 -9.12 -12.82
CA ALA A 76 5.25 -8.62 -12.73
C ALA A 76 5.01 -7.71 -11.52
N ASP A 77 6.05 -7.42 -10.76
CA ASP A 77 5.85 -6.74 -9.48
C ASP A 77 5.40 -5.29 -9.62
N GLY A 78 5.88 -4.61 -10.67
CA GLY A 78 5.37 -3.28 -10.98
C GLY A 78 6.28 -2.07 -10.92
N PRO A 79 7.19 -1.99 -9.92
CA PRO A 79 7.97 -0.77 -9.85
C PRO A 79 8.75 -0.46 -11.14
N ALA A 80 8.50 0.71 -11.69
CA ALA A 80 9.18 1.20 -12.89
C ALA A 80 10.68 1.30 -12.65
N PHE A 81 11.44 0.74 -13.59
CA PHE A 81 12.92 0.77 -13.59
C PHE A 81 13.58 -0.07 -12.50
N VAL A 82 12.79 -0.86 -11.80
CA VAL A 82 13.32 -1.94 -10.96
C VAL A 82 12.90 -3.29 -11.57
N ASN A 83 11.61 -3.43 -11.86
CA ASN A 83 11.07 -4.71 -12.26
C ASN A 83 10.60 -4.75 -13.71
N GLN A 84 10.47 -3.59 -14.33
CA GLN A 84 10.04 -3.49 -15.72
C GLN A 84 10.23 -2.06 -16.23
N CYS A 85 10.25 -1.90 -17.54
CA CYS A 85 10.07 -0.59 -18.14
C CYS A 85 8.56 -0.34 -18.15
N PRO A 86 8.14 0.94 -18.10
CA PRO A 86 6.71 1.22 -18.12
C PRO A 86 6.03 0.72 -19.38
N ILE A 87 4.72 0.46 -19.28
CA ILE A 87 3.88 0.26 -20.45
C ILE A 87 3.79 1.61 -21.17
N SER A 88 4.04 1.60 -22.48
CA SER A 88 3.91 2.83 -23.26
C SER A 88 2.46 3.00 -23.69
N THR A 89 2.01 4.24 -23.85
CA THR A 89 0.62 4.50 -24.29
C THR A 89 0.37 3.91 -25.68
N GLY A 90 -0.86 3.48 -25.93
CA GLY A 90 -1.17 2.79 -27.19
C GLY A 90 -0.83 1.31 -27.17
N HIS A 91 -0.26 0.84 -26.06
CA HIS A 91 0.11 -0.57 -25.89
C HIS A 91 -0.59 -1.18 -24.67
N ALA A 92 -0.60 -2.52 -24.61
CA ALA A 92 -1.10 -3.29 -23.49
C ALA A 92 -0.01 -4.23 -22.97
N PHE A 93 -0.15 -4.66 -21.71
CA PHE A 93 0.78 -5.59 -21.07
C PHE A 93 0.07 -6.47 -20.02
N LEU A 94 0.23 -7.78 -20.18
CA LEU A 94 -0.40 -8.80 -19.34
C LEU A 94 0.44 -9.14 -18.11
N TYR A 95 -0.08 -8.81 -16.94
CA TYR A 95 0.44 -9.30 -15.68
C TYR A 95 -0.17 -10.65 -15.39
N ASP A 96 0.67 -11.66 -15.23
CA ASP A 96 0.18 -13.03 -15.16
C ASP A 96 0.92 -13.71 -14.02
N PHE A 97 0.24 -13.90 -12.88
CA PHE A 97 0.90 -14.41 -11.69
C PHE A 97 -0.04 -15.22 -10.81
N GLN A 98 0.51 -15.83 -9.76
CA GLN A 98 -0.24 -16.71 -8.88
C GLN A 98 -0.08 -16.21 -7.46
N VAL A 99 -1.07 -16.49 -6.61
CA VAL A 99 -0.96 -16.16 -5.19
C VAL A 99 -1.09 -17.39 -4.27
N PRO A 100 -0.13 -18.33 -4.39
CA PRO A 100 -0.12 -19.45 -3.46
C PRO A 100 0.10 -18.94 -2.03
N ASP A 101 -0.61 -19.51 -1.06
CA ASP A 101 -0.38 -19.24 0.37
C ASP A 101 -0.71 -17.82 0.83
N GLN A 102 -1.46 -17.06 0.05
CA GLN A 102 -1.85 -15.74 0.49
C GLN A 102 -3.35 -15.54 0.36
N ALA A 103 -3.93 -14.87 1.35
CA ALA A 103 -5.33 -14.48 1.35
C ALA A 103 -5.48 -13.32 2.32
N GLY A 104 -6.32 -12.36 1.97
CA GLY A 104 -6.55 -11.19 2.79
C GLY A 104 -6.85 -10.01 1.90
N THR A 105 -6.53 -8.83 2.40
CA THR A 105 -6.82 -7.58 1.71
C THR A 105 -5.55 -6.96 1.12
N PHE A 106 -5.62 -6.62 -0.17
CA PHE A 106 -4.50 -6.07 -0.92
C PHE A 106 -4.96 -4.81 -1.70
N TRP A 107 -4.09 -4.25 -2.52
CA TRP A 107 -4.47 -3.18 -3.46
C TRP A 107 -3.54 -3.07 -4.65
N TYR A 108 -3.99 -2.34 -5.66
CA TYR A 108 -3.15 -2.14 -6.83
C TYR A 108 -3.02 -0.66 -7.10
N HIS A 109 -1.83 -0.28 -7.55
CA HIS A 109 -1.56 1.12 -7.85
C HIS A 109 -0.44 1.30 -8.85
N SER A 110 -0.48 2.42 -9.56
CA SER A 110 0.63 2.80 -10.42
C SER A 110 1.89 2.78 -9.57
N HIS A 111 2.96 2.22 -10.11
CA HIS A 111 4.24 2.30 -9.43
C HIS A 111 5.25 3.01 -10.34
N LEU A 112 4.76 4.05 -11.02
CA LEU A 112 5.59 4.96 -11.81
C LEU A 112 5.55 6.36 -11.21
N SER A 113 6.70 6.87 -10.78
CA SER A 113 6.75 8.23 -10.24
C SER A 113 5.64 8.43 -9.18
N THR A 114 4.92 9.55 -9.29
CA THR A 114 3.85 9.86 -8.34
C THR A 114 2.50 9.72 -8.99
N GLN A 115 2.46 8.94 -10.08
CA GLN A 115 1.25 8.72 -10.85
C GLN A 115 0.05 8.18 -10.05
N TYR A 116 0.26 7.37 -9.02
CA TYR A 116 -0.91 6.76 -8.38
C TYR A 116 -1.75 7.78 -7.60
N CYS A 117 -1.12 8.86 -7.16
CA CYS A 117 -1.85 9.98 -6.54
C CYS A 117 -2.89 10.59 -7.49
N ASP A 118 -2.62 10.55 -8.79
CA ASP A 118 -3.56 11.07 -9.80
C ASP A 118 -4.75 10.13 -10.10
N GLY A 119 -4.83 9.03 -9.35
CA GLY A 119 -6.03 8.22 -9.32
C GLY A 119 -5.96 6.76 -9.77
N LEU A 120 -4.78 6.27 -10.16
CA LEU A 120 -4.66 4.87 -10.52
C LEU A 120 -4.35 4.05 -9.26
N ARG A 121 -5.40 3.64 -8.56
CA ARG A 121 -5.29 2.91 -7.29
C ARG A 121 -6.63 2.34 -6.88
N GLY A 122 -6.67 1.05 -6.59
CA GLY A 122 -7.91 0.37 -6.18
C GLY A 122 -7.64 -0.82 -5.28
N PRO A 123 -8.68 -1.30 -4.57
CA PRO A 123 -8.50 -2.39 -3.62
C PRO A 123 -8.54 -3.74 -4.32
N ILE A 124 -8.01 -4.75 -3.64
CA ILE A 124 -8.08 -6.14 -4.07
C ILE A 124 -8.42 -6.98 -2.86
N VAL A 125 -9.30 -7.95 -3.04
CA VAL A 125 -9.52 -8.94 -2.00
C VAL A 125 -9.25 -10.34 -2.50
N VAL A 126 -8.45 -11.07 -1.74
CA VAL A 126 -8.24 -12.47 -2.01
C VAL A 126 -8.96 -13.24 -0.91
N TYR A 127 -10.06 -13.90 -1.29
CA TYR A 127 -10.88 -14.63 -0.33
C TYR A 127 -10.24 -16.00 0.00
N ASP A 128 -10.47 -16.45 1.22
CA ASP A 128 -10.01 -17.75 1.66
C ASP A 128 -11.27 -18.59 1.92
N PRO A 129 -11.51 -19.63 1.10
CA PRO A 129 -12.64 -20.54 1.33
C PRO A 129 -12.61 -21.21 2.71
N ASN A 130 -11.43 -21.30 3.31
CA ASN A 130 -11.26 -21.90 4.63
C ASN A 130 -10.68 -20.88 5.62
N ASP A 131 -11.02 -19.60 5.42
CA ASP A 131 -10.56 -18.52 6.28
C ASP A 131 -10.79 -18.91 7.73
N PRO A 132 -9.71 -18.92 8.54
CA PRO A 132 -9.84 -19.30 9.94
C PRO A 132 -10.80 -18.42 10.76
N HIS A 133 -11.09 -17.22 10.26
CA HIS A 133 -12.02 -16.30 10.93
C HIS A 133 -13.41 -16.25 10.31
N ALA A 134 -13.68 -17.09 9.31
CA ALA A 134 -14.99 -17.10 8.63
C ALA A 134 -16.16 -17.06 9.61
N SER A 135 -16.04 -17.79 10.73
CA SER A 135 -17.15 -17.94 11.66
C SER A 135 -17.37 -16.70 12.55
N LEU A 136 -16.51 -15.69 12.41
CA LEU A 136 -16.63 -14.47 13.21
C LEU A 136 -17.60 -13.44 12.59
N TYR A 137 -18.06 -13.70 11.35
CA TYR A 137 -18.90 -12.72 10.64
C TYR A 137 -19.89 -13.37 9.67
N ASP A 138 -20.89 -12.56 9.29
CA ASP A 138 -21.96 -12.99 8.37
C ASP A 138 -21.79 -12.40 6.97
N VAL A 139 -21.21 -11.21 6.88
CA VAL A 139 -21.07 -10.51 5.59
C VAL A 139 -19.64 -10.09 5.32
N ASP A 140 -19.19 -10.42 4.11
CA ASP A 140 -17.87 -10.12 3.59
C ASP A 140 -17.98 -10.12 2.06
N ASP A 141 -18.12 -8.93 1.48
CA ASP A 141 -18.34 -8.78 0.03
C ASP A 141 -17.90 -7.40 -0.48
N ASP A 142 -18.29 -7.03 -1.70
CA ASP A 142 -17.92 -5.71 -2.27
C ASP A 142 -18.31 -4.57 -1.34
N SER A 143 -19.44 -4.72 -0.65
CA SER A 143 -19.98 -3.69 0.23
C SER A 143 -19.23 -3.47 1.56
N THR A 144 -18.29 -4.37 1.88
CA THR A 144 -17.53 -4.30 3.13
C THR A 144 -16.09 -3.87 2.92
N VAL A 145 -15.73 -3.60 1.67
CA VAL A 145 -14.46 -2.97 1.38
C VAL A 145 -14.54 -1.45 1.67
N ILE A 146 -13.68 -0.96 2.57
CA ILE A 146 -13.60 0.48 2.83
C ILE A 146 -12.22 1.00 2.45
N THR A 147 -12.16 1.97 1.53
CA THR A 147 -10.88 2.58 1.20
C THR A 147 -10.77 4.00 1.72
N LEU A 148 -9.55 4.36 2.11
CA LEU A 148 -9.20 5.70 2.48
C LEU A 148 -8.20 6.22 1.46
N ALA A 149 -8.27 7.51 1.14
CA ALA A 149 -7.38 8.08 0.15
C ALA A 149 -7.32 9.59 0.27
N ASP A 150 -6.11 10.15 0.08
CA ASP A 150 -5.91 11.60 0.00
C ASP A 150 -6.24 12.14 -1.39
N TRP A 151 -6.74 13.38 -1.47
CA TRP A 151 -7.11 13.96 -2.74
C TRP A 151 -6.70 15.42 -2.88
N TYR A 152 -6.18 15.76 -4.06
CA TYR A 152 -5.58 17.06 -4.30
C TYR A 152 -6.29 17.68 -5.49
N HIS A 153 -6.47 19.00 -5.45
CA HIS A 153 -7.13 19.71 -6.54
C HIS A 153 -6.13 20.02 -7.65
N LEU A 154 -4.85 20.08 -7.29
CA LEU A 154 -3.78 20.16 -8.27
C LEU A 154 -3.11 18.80 -8.41
N ALA A 155 -2.84 18.41 -9.65
CA ALA A 155 -2.17 17.12 -9.93
C ALA A 155 -0.81 17.02 -9.29
N ALA A 156 -0.34 15.78 -9.14
CA ALA A 156 0.95 15.43 -8.56
C ALA A 156 2.12 16.28 -9.10
N LYS A 157 2.20 16.45 -10.42
CA LYS A 157 3.30 17.23 -11.00
C LYS A 157 2.98 18.72 -11.19
N VAL A 158 1.80 19.14 -10.72
CA VAL A 158 1.32 20.51 -10.90
C VAL A 158 1.34 21.26 -9.57
N GLY A 159 1.01 20.58 -8.48
CA GLY A 159 1.04 21.18 -7.14
C GLY A 159 2.45 21.35 -6.61
N ALA A 160 2.55 21.56 -5.30
CA ALA A 160 3.83 21.61 -4.60
C ALA A 160 4.45 20.20 -4.53
N PRO A 161 5.80 20.09 -4.40
CA PRO A 161 6.48 18.76 -4.38
C PRO A 161 5.99 17.82 -3.27
N VAL A 162 5.70 18.36 -2.09
CA VAL A 162 5.03 17.62 -1.03
C VAL A 162 3.74 18.40 -0.66
N PRO A 163 2.61 18.07 -1.33
CA PRO A 163 1.40 18.89 -1.16
C PRO A 163 0.58 18.50 0.07
N THR A 164 -0.46 19.30 0.31
CA THR A 164 -1.40 19.10 1.40
C THR A 164 -2.75 18.72 0.79
N ALA A 165 -3.36 17.64 1.28
CA ALA A 165 -4.62 17.16 0.72
C ALA A 165 -5.78 18.15 0.90
N ASP A 166 -6.64 18.24 -0.11
CA ASP A 166 -7.80 19.09 -0.04
C ASP A 166 -8.99 18.34 0.55
N ALA A 167 -8.93 17.01 0.51
CA ALA A 167 -10.03 16.16 0.95
C ALA A 167 -9.56 14.76 1.26
N THR A 168 -10.16 14.16 2.27
CA THR A 168 -10.06 12.73 2.50
C THR A 168 -11.22 12.05 1.80
N LEU A 169 -10.94 11.03 1.00
CA LEU A 169 -11.96 10.24 0.34
C LEU A 169 -12.15 8.90 1.04
N ILE A 170 -13.39 8.60 1.38
CA ILE A 170 -13.76 7.30 1.86
C ILE A 170 -14.61 6.64 0.79
N ASN A 171 -14.19 5.46 0.34
CA ASN A 171 -14.78 4.85 -0.85
C ASN A 171 -14.90 5.83 -2.03
N GLY A 172 -13.87 6.66 -2.21
CA GLY A 172 -13.83 7.58 -3.33
C GLY A 172 -14.74 8.80 -3.24
N LEU A 173 -15.26 9.06 -2.05
CA LEU A 173 -16.15 10.20 -1.83
C LEU A 173 -15.74 10.91 -0.55
N GLY A 174 -15.77 12.24 -0.57
CA GLY A 174 -15.44 13.04 0.59
C GLY A 174 -15.74 14.51 0.35
N ARG A 175 -15.53 15.33 1.37
CA ARG A 175 -15.76 16.77 1.27
C ARG A 175 -14.46 17.54 1.48
N SER A 176 -14.35 18.67 0.77
CA SER A 176 -13.28 19.64 1.00
C SER A 176 -13.82 20.90 1.70
N ALA A 177 -12.93 21.73 2.26
CA ALA A 177 -13.28 23.00 2.94
C ALA A 177 -14.30 23.86 2.20
N ALA A 178 -14.25 23.85 0.87
CA ALA A 178 -15.19 24.64 0.05
C ALA A 178 -16.23 23.80 -0.72
N THR A 179 -16.36 22.53 -0.38
CA THR A 179 -17.44 21.70 -0.93
C THR A 179 -18.15 20.93 0.18
N LEU A 180 -18.62 21.65 1.18
CA LEU A 180 -19.26 21.04 2.36
C LEU A 180 -20.59 20.33 2.06
N ALA A 181 -21.08 20.45 0.84
CA ALA A 181 -22.33 19.80 0.43
C ALA A 181 -22.12 18.55 -0.45
N ALA A 182 -20.87 18.28 -0.83
CA ALA A 182 -20.54 17.08 -1.62
C ALA A 182 -21.01 15.80 -0.94
N ASP A 183 -21.54 14.88 -1.75
CA ASP A 183 -22.01 13.57 -1.30
C ASP A 183 -20.98 12.81 -0.48
N LEU A 184 -21.45 12.22 0.62
CA LEU A 184 -20.61 11.36 1.47
C LEU A 184 -20.85 9.90 1.13
N ALA A 185 -19.85 9.06 1.42
CA ALA A 185 -20.01 7.63 1.25
C ALA A 185 -20.91 7.07 2.34
N VAL A 186 -21.71 6.07 1.97
CA VAL A 186 -22.60 5.38 2.88
C VAL A 186 -22.25 3.90 2.90
N ILE A 187 -21.98 3.39 4.10
CA ILE A 187 -21.79 1.97 4.33
C ILE A 187 -23.02 1.48 5.08
N THR A 188 -23.77 0.58 4.44
CA THR A 188 -25.02 0.07 5.02
C THR A 188 -24.82 -1.23 5.81
N VAL A 189 -25.42 -1.29 7.00
CA VAL A 189 -25.45 -2.52 7.82
C VAL A 189 -26.89 -2.84 8.26
N THR A 190 -27.16 -4.14 8.50
CA THR A 190 -28.40 -4.59 9.10
C THR A 190 -28.14 -4.95 10.56
N LYS A 191 -29.01 -4.49 11.45
CA LYS A 191 -28.90 -4.74 12.89
C LYS A 191 -28.87 -6.24 13.21
N GLY A 192 -27.91 -6.63 14.05
CA GLY A 192 -27.79 -8.01 14.49
C GLY A 192 -26.82 -8.82 13.65
N LYS A 193 -26.43 -8.28 12.49
CA LYS A 193 -25.46 -8.92 11.63
C LYS A 193 -24.03 -8.49 11.93
N ARG A 194 -23.08 -9.39 11.67
CA ARG A 194 -21.66 -9.15 11.89
C ARG A 194 -20.96 -9.00 10.53
N TYR A 195 -20.04 -8.05 10.43
CA TYR A 195 -19.46 -7.62 9.15
C TYR A 195 -17.95 -7.69 9.17
N ARG A 196 -17.36 -8.31 8.14
CA ARG A 196 -15.91 -8.20 7.97
C ARG A 196 -15.63 -7.01 7.07
N PHE A 197 -15.21 -5.91 7.69
CA PHE A 197 -14.78 -4.75 6.92
C PHE A 197 -13.30 -4.79 6.61
N ARG A 198 -12.99 -4.53 5.35
CA ARG A 198 -11.60 -4.58 4.91
C ARG A 198 -11.20 -3.18 4.54
N LEU A 199 -10.37 -2.59 5.40
CA LEU A 199 -9.99 -1.21 5.33
C LEU A 199 -8.61 -1.14 4.69
N VAL A 200 -8.50 -0.40 3.60
CA VAL A 200 -7.24 -0.28 2.87
C VAL A 200 -6.88 1.18 2.62
N SER A 201 -5.65 1.52 2.95
CA SER A 201 -5.15 2.86 2.70
C SER A 201 -4.55 2.95 1.32
N LEU A 202 -5.20 3.73 0.45
CA LEU A 202 -4.68 4.03 -0.87
C LEU A 202 -3.89 5.35 -0.86
N SER A 203 -3.56 5.82 0.34
CA SER A 203 -2.97 7.14 0.54
C SER A 203 -1.62 7.34 -0.13
N CYS A 204 -1.39 8.54 -0.69
CA CYS A 204 -0.05 8.95 -1.15
C CYS A 204 0.81 9.58 -0.06
N ASP A 205 0.20 9.91 1.07
CA ASP A 205 0.95 10.59 2.14
C ASP A 205 0.39 10.38 3.57
N PRO A 206 -0.79 10.95 3.89
CA PRO A 206 -1.17 10.95 5.33
C PRO A 206 -1.56 9.59 5.86
N ASN A 207 -1.37 9.42 7.17
CA ASN A 207 -1.96 8.32 7.90
C ASN A 207 -3.27 8.81 8.52
N TYR A 208 -4.22 7.89 8.70
CA TYR A 208 -5.53 8.23 9.25
C TYR A 208 -5.77 7.56 10.59
N THR A 209 -6.30 8.33 11.54
CA THR A 209 -6.80 7.79 12.80
C THR A 209 -8.27 7.47 12.55
N PHE A 210 -8.55 6.17 12.45
CA PHE A 210 -9.84 5.67 12.01
C PHE A 210 -10.65 5.17 13.19
N SER A 211 -11.93 5.53 13.21
CA SER A 211 -12.86 5.09 14.24
C SER A 211 -14.31 5.22 13.76
N ILE A 212 -15.20 4.47 14.39
CA ILE A 212 -16.62 4.54 14.10
C ILE A 212 -17.42 4.83 15.37
N ASP A 213 -18.12 5.97 15.37
CA ASP A 213 -18.93 6.39 16.51
C ASP A 213 -19.78 5.25 17.06
N GLY A 214 -19.69 5.04 18.37
CA GLY A 214 -20.51 4.06 19.07
C GLY A 214 -20.13 2.60 18.86
N HIS A 215 -19.15 2.35 17.97
CA HIS A 215 -18.77 0.98 17.63
C HIS A 215 -17.32 0.63 17.92
N SER A 216 -17.10 -0.59 18.38
CA SER A 216 -15.77 -1.17 18.51
C SER A 216 -15.40 -1.99 17.28
N LEU A 217 -14.11 -2.19 17.09
CA LEU A 217 -13.58 -2.82 15.90
C LEU A 217 -12.71 -4.02 16.30
N THR A 218 -13.09 -5.22 15.85
CA THR A 218 -12.30 -6.44 16.16
C THR A 218 -11.33 -6.78 15.03
N VAL A 219 -10.07 -6.40 15.20
CA VAL A 219 -9.05 -6.53 14.16
C VAL A 219 -8.58 -7.99 14.09
N ILE A 220 -8.63 -8.54 12.87
CA ILE A 220 -8.40 -9.96 12.63
C ILE A 220 -7.36 -10.21 11.51
N GLU A 221 -6.93 -9.14 10.85
CA GLU A 221 -5.96 -9.24 9.74
C GLU A 221 -5.21 -7.92 9.63
N ALA A 222 -3.88 -8.00 9.47
CA ALA A 222 -3.04 -6.84 9.16
C ALA A 222 -2.19 -7.12 7.93
N ASP A 223 -2.23 -6.21 6.96
CA ASP A 223 -1.52 -6.36 5.69
C ASP A 223 -1.53 -7.82 5.17
N SER A 224 -2.74 -8.42 5.10
CA SER A 224 -2.93 -9.77 4.56
C SER A 224 -2.46 -10.93 5.46
N VAL A 225 -2.10 -10.64 6.70
CA VAL A 225 -1.62 -11.65 7.64
C VAL A 225 -2.68 -11.83 8.72
N ASN A 226 -3.14 -13.06 8.92
CA ASN A 226 -4.16 -13.34 9.94
C ASN A 226 -3.67 -13.09 11.36
N LEU A 227 -4.51 -12.45 12.16
CA LEU A 227 -4.13 -12.12 13.54
C LEU A 227 -4.99 -12.91 14.51
N LYS A 228 -4.58 -12.94 15.78
CA LYS A 228 -5.52 -13.24 16.86
C LYS A 228 -6.42 -12.03 16.99
N PRO A 229 -7.75 -12.24 17.14
CA PRO A 229 -8.70 -11.12 17.24
C PRO A 229 -8.31 -10.13 18.33
N HIS A 230 -8.35 -8.85 18.01
CA HIS A 230 -7.98 -7.81 18.97
C HIS A 230 -8.91 -6.63 18.79
N THR A 231 -9.70 -6.38 19.83
CA THR A 231 -10.78 -5.42 19.80
C THR A 231 -10.23 -4.08 20.25
N VAL A 232 -10.49 -3.05 19.45
CA VAL A 232 -10.03 -1.69 19.69
C VAL A 232 -11.20 -0.75 19.45
N ASP A 233 -11.10 0.49 19.97
CA ASP A 233 -12.11 1.52 19.65
C ASP A 233 -11.60 2.51 18.61
N SER A 234 -10.34 2.38 18.22
CA SER A 234 -9.80 3.11 17.09
C SER A 234 -8.48 2.51 16.61
N LEU A 235 -8.10 2.90 15.39
CA LEU A 235 -6.83 2.45 14.84
C LEU A 235 -6.21 3.51 13.94
N GLN A 236 -4.89 3.47 13.84
CA GLN A 236 -4.13 4.36 13.01
C GLN A 236 -3.67 3.55 11.82
N ILE A 237 -3.98 4.01 10.61
CA ILE A 237 -3.59 3.27 9.42
C ILE A 237 -2.70 4.12 8.51
N PHE A 238 -1.50 3.61 8.23
CA PHE A 238 -0.51 4.30 7.39
C PHE A 238 -0.70 3.96 5.94
N ALA A 239 -0.28 4.87 5.06
CA ALA A 239 -0.33 4.66 3.62
C ALA A 239 0.02 3.21 3.26
N ALA A 240 -0.89 2.54 2.55
CA ALA A 240 -0.64 1.20 1.97
C ALA A 240 -0.92 0.02 2.89
N GLN A 241 -1.23 0.30 4.15
CA GLN A 241 -1.60 -0.74 5.11
C GLN A 241 -3.03 -1.18 4.88
N ARG A 242 -3.36 -2.37 5.37
CA ARG A 242 -4.72 -2.88 5.33
C ARG A 242 -5.03 -3.46 6.70
N TYR A 243 -6.27 -3.28 7.16
CA TYR A 243 -6.79 -4.03 8.29
C TYR A 243 -8.15 -4.61 7.94
N SER A 244 -8.38 -5.85 8.35
CA SER A 244 -9.72 -6.36 8.43
C SER A 244 -10.18 -6.21 9.86
N PHE A 245 -11.40 -5.71 10.03
CA PHE A 245 -12.03 -5.70 11.36
C PHE A 245 -13.44 -6.20 11.27
N VAL A 246 -13.87 -6.88 12.35
CA VAL A 246 -15.26 -7.31 12.49
C VAL A 246 -16.01 -6.24 13.23
N LEU A 247 -17.12 -5.82 12.63
CA LEU A 247 -18.05 -4.90 13.28
C LEU A 247 -19.33 -5.66 13.56
N ASN A 248 -19.74 -5.64 14.82
CA ASN A 248 -21.02 -6.18 15.24
C ASN A 248 -22.05 -5.05 15.23
N ALA A 249 -22.99 -5.10 14.30
CA ALA A 249 -24.00 -4.06 14.18
C ALA A 249 -25.09 -4.29 15.23
N ASP A 250 -24.75 -3.99 16.47
CA ASP A 250 -25.62 -4.30 17.62
C ASP A 250 -26.11 -3.04 18.36
N GLN A 251 -25.81 -1.88 17.80
CA GLN A 251 -26.26 -0.59 18.33
C GLN A 251 -27.68 -0.28 17.84
N ASP A 252 -28.30 0.78 18.38
CA ASP A 252 -29.61 1.23 17.91
C ASP A 252 -29.57 1.56 16.43
N VAL A 253 -30.64 1.21 15.73
CA VAL A 253 -30.80 1.62 14.34
C VAL A 253 -30.66 3.14 14.28
N ASP A 254 -29.68 3.60 13.50
CA ASP A 254 -29.32 5.01 13.45
C ASP A 254 -28.22 5.24 12.42
N ASN A 255 -27.85 6.52 12.24
CA ASN A 255 -26.69 6.91 11.45
C ASN A 255 -25.53 7.20 12.37
N TYR A 256 -24.35 6.66 12.06
CA TYR A 256 -23.15 6.87 12.86
C TYR A 256 -22.04 7.39 11.96
N TRP A 257 -21.26 8.34 12.46
CA TRP A 257 -20.13 8.87 11.71
C TRP A 257 -19.03 7.83 11.64
N ILE A 258 -18.42 7.71 10.47
CA ILE A 258 -17.17 6.99 10.25
C ILE A 258 -16.13 8.08 10.09
N ARG A 259 -15.07 8.01 10.88
CA ARG A 259 -14.11 9.10 10.97
C ARG A 259 -12.71 8.69 10.49
N ALA A 260 -12.06 9.53 9.69
CA ALA A 260 -10.69 9.26 9.26
C ALA A 260 -9.87 10.54 9.29
N LEU A 261 -9.22 10.74 10.43
CA LEU A 261 -8.49 11.94 10.73
C LEU A 261 -7.06 11.84 10.18
N PRO A 262 -6.72 12.69 9.20
CA PRO A 262 -5.34 12.67 8.68
C PRO A 262 -4.38 13.35 9.64
N ASN A 263 -3.11 13.01 9.54
CA ASN A 263 -2.06 13.61 10.38
C ASN A 263 -1.59 14.96 9.83
N SER A 264 -2.02 15.32 8.63
CA SER A 264 -1.71 16.64 8.05
C SER A 264 -2.95 17.15 7.34
N GLY A 265 -2.93 18.43 6.96
CA GLY A 265 -4.06 19.07 6.28
C GLY A 265 -5.16 19.42 7.27
N THR A 266 -6.41 19.21 6.86
CA THR A 266 -7.56 19.53 7.72
C THR A 266 -7.71 18.49 8.82
N GLN A 267 -7.41 18.88 10.05
CA GLN A 267 -7.46 17.95 11.17
C GLN A 267 -8.67 18.15 12.10
N ASN A 268 -9.84 18.20 11.48
CA ASN A 268 -11.11 18.20 12.20
C ASN A 268 -12.20 17.58 11.32
N PHE A 269 -13.45 17.67 11.80
CA PHE A 269 -14.58 17.08 11.08
C PHE A 269 -15.67 18.09 10.76
N ALA A 270 -15.39 19.38 10.92
CA ALA A 270 -16.37 20.45 10.64
C ALA A 270 -17.05 20.21 9.30
N GLY A 271 -18.37 20.23 9.28
CA GLY A 271 -19.11 20.07 8.03
C GLY A 271 -19.03 18.70 7.37
N GLY A 272 -18.59 17.67 8.11
CA GLY A 272 -18.63 16.30 7.59
C GLY A 272 -17.40 15.95 6.75
N THR A 273 -16.37 16.76 6.92
CA THR A 273 -15.09 16.55 6.27
C THR A 273 -14.40 15.34 6.96
N ASN A 274 -13.59 14.60 6.21
CA ASN A 274 -12.88 13.44 6.79
C ASN A 274 -13.82 12.38 7.32
N SER A 275 -14.92 12.15 6.59
CA SER A 275 -16.03 11.38 7.11
C SER A 275 -16.82 10.62 6.04
N ALA A 276 -17.42 9.52 6.49
CA ALA A 276 -18.45 8.81 5.75
C ALA A 276 -19.54 8.42 6.73
N ILE A 277 -20.56 7.73 6.24
CA ILE A 277 -21.73 7.42 7.07
C ILE A 277 -21.91 5.92 7.24
N LEU A 278 -22.10 5.46 8.47
CA LEU A 278 -22.55 4.11 8.74
C LEU A 278 -24.04 4.18 9.00
N ARG A 279 -24.82 3.56 8.11
CA ARG A 279 -26.27 3.62 8.15
C ARG A 279 -26.87 2.25 8.39
N TYR A 280 -27.64 2.10 9.46
CA TYR A 280 -28.42 0.88 9.70
C TYR A 280 -29.65 0.92 8.79
N ASP A 281 -30.07 -0.23 8.27
C ASP A 281 -32.52 -0.11 8.45
N GLY A 282 -33.12 0.94 7.89
CA GLY A 282 -34.29 1.54 8.50
C GLY A 282 -34.05 2.96 8.98
N ALA A 283 -32.79 3.32 9.21
CA ALA A 283 -32.45 4.68 9.59
C ALA A 283 -32.76 5.66 8.46
N ALA A 284 -33.03 6.89 8.85
CA ALA A 284 -33.30 7.99 7.93
C ALA A 284 -32.09 8.28 7.05
N PRO A 285 -32.33 8.67 5.79
CA PRO A 285 -31.24 9.04 4.87
C PRO A 285 -30.66 10.44 5.12
N VAL A 286 -30.14 10.67 6.32
CA VAL A 286 -29.59 11.96 6.71
C VAL A 286 -28.21 11.78 7.34
N GLU A 287 -27.44 12.86 7.48
CA GLU A 287 -26.14 12.79 8.12
C GLU A 287 -26.29 12.34 9.57
N PRO A 288 -25.24 11.71 10.13
CA PRO A 288 -25.21 11.42 11.56
C PRO A 288 -25.05 12.68 12.37
N THR A 289 -25.49 12.62 13.63
CA THR A 289 -25.23 13.70 14.57
C THR A 289 -24.61 13.09 15.82
N THR A 290 -24.01 11.92 15.66
CA THR A 290 -23.36 11.23 16.76
C THR A 290 -22.06 11.92 17.16
N SER A 291 -21.62 11.65 18.38
CA SER A 291 -20.48 12.33 18.98
C SER A 291 -19.32 11.39 19.13
N GLN A 292 -18.13 11.95 18.93
CA GLN A 292 -16.92 11.16 19.10
C GLN A 292 -16.66 11.04 20.60
N THR A 293 -16.47 9.80 21.04
CA THR A 293 -16.04 9.57 22.41
C THR A 293 -14.51 9.43 22.39
N PRO A 294 -13.82 9.82 23.47
CA PRO A 294 -12.36 9.72 23.37
C PRO A 294 -11.92 8.26 23.28
N SER A 295 -10.87 8.01 22.50
CA SER A 295 -10.39 6.65 22.32
C SER A 295 -9.67 6.20 23.58
N THR A 296 -10.12 5.10 24.16
CA THR A 296 -9.51 4.59 25.39
C THR A 296 -8.85 3.22 25.17
N ASN A 297 -9.08 2.64 24.00
CA ASN A 297 -8.53 1.34 23.66
C ASN A 297 -8.05 1.35 22.19
N PRO A 298 -7.06 2.21 21.88
CA PRO A 298 -6.54 2.32 20.52
C PRO A 298 -5.73 1.09 20.13
N LEU A 299 -5.68 0.78 18.83
CA LEU A 299 -4.77 -0.23 18.32
C LEU A 299 -3.34 0.16 18.65
N VAL A 300 -2.59 -0.80 19.19
CA VAL A 300 -1.18 -0.62 19.48
C VAL A 300 -0.49 -1.75 18.73
N GLU A 301 0.40 -1.42 17.81
CA GLU A 301 0.97 -2.42 16.92
C GLU A 301 1.68 -3.55 17.69
N SER A 302 2.34 -3.20 18.79
CA SER A 302 3.13 -4.20 19.54
C SER A 302 2.25 -5.19 20.26
N ALA A 303 0.97 -4.87 20.40
CA ALA A 303 0.03 -5.77 21.05
C ALA A 303 -0.70 -6.69 20.06
N LEU A 304 -0.48 -6.48 18.76
CA LEU A 304 -0.99 -7.40 17.73
C LEU A 304 -0.09 -8.61 17.64
N THR A 305 -0.69 -9.77 17.40
CA THR A 305 0.10 -10.97 17.14
C THR A 305 -0.51 -11.81 16.02
N THR A 306 0.29 -12.70 15.39
CA THR A 306 -0.25 -13.53 14.33
C THR A 306 -1.16 -14.57 14.92
N LEU A 307 -2.10 -15.03 14.10
CA LEU A 307 -3.04 -16.05 14.53
C LEU A 307 -2.32 -17.29 15.12
N LYS A 308 -1.24 -17.69 14.44
CA LYS A 308 -0.50 -18.90 14.78
C LYS A 308 0.53 -18.64 15.89
N GLY A 309 0.90 -17.38 16.11
CA GLY A 309 1.90 -17.06 17.13
C GLY A 309 3.32 -17.30 16.63
N THR A 310 3.46 -17.26 15.32
CA THR A 310 4.72 -17.46 14.64
C THR A 310 5.85 -16.60 15.23
N ALA A 311 6.93 -17.27 15.63
CA ALA A 311 8.15 -16.60 16.08
C ALA A 311 8.74 -15.76 14.93
N ALA A 312 9.47 -14.72 15.29
CA ALA A 312 10.29 -14.01 14.31
C ALA A 312 11.39 -14.95 13.82
N PRO A 313 11.80 -14.79 12.54
CA PRO A 313 12.93 -15.56 12.00
C PRO A 313 14.20 -15.32 12.82
N GLY A 314 15.08 -16.32 12.89
CA GLY A 314 16.33 -16.19 13.61
C GLY A 314 16.21 -16.50 15.10
N SER A 315 17.26 -16.17 15.83
CA SER A 315 17.30 -16.42 17.26
C SER A 315 17.00 -15.13 18.00
N PRO A 316 16.44 -15.23 19.22
CA PRO A 316 15.90 -14.07 19.96
C PRO A 316 16.92 -13.13 20.60
N THR A 317 17.80 -12.53 19.79
CA THR A 317 18.76 -11.53 20.27
C THR A 317 19.09 -10.55 19.12
N PRO A 318 19.41 -9.28 19.43
CA PRO A 318 19.77 -8.34 18.36
C PRO A 318 20.88 -8.90 17.48
N GLY A 319 20.72 -8.79 16.17
CA GLY A 319 21.71 -9.29 15.21
C GLY A 319 21.79 -10.81 15.16
N GLY A 320 20.77 -11.48 15.70
CA GLY A 320 20.68 -12.94 15.72
C GLY A 320 20.16 -13.54 14.42
N VAL A 321 20.79 -13.16 13.32
CA VAL A 321 20.35 -13.54 11.96
C VAL A 321 21.60 -13.66 11.07
N ASP A 322 21.43 -14.10 9.82
CA ASP A 322 22.56 -14.24 8.89
C ASP A 322 23.13 -12.89 8.45
N LEU A 323 22.23 -11.94 8.17
CA LEU A 323 22.63 -10.59 7.78
C LEU A 323 21.75 -9.54 8.44
N ALA A 324 22.40 -8.57 9.07
CA ALA A 324 21.75 -7.42 9.71
C ALA A 324 22.19 -6.13 9.02
N LEU A 325 21.23 -5.32 8.60
CA LEU A 325 21.50 -4.08 7.93
C LEU A 325 20.85 -2.94 8.71
N ASN A 326 21.45 -1.76 8.60
CA ASN A 326 20.90 -0.55 9.22
C ASN A 326 20.78 0.51 8.17
N MET A 327 19.60 1.12 8.10
CA MET A 327 19.30 2.12 7.09
C MET A 327 19.26 3.50 7.74
N ALA A 328 20.30 4.30 7.51
CA ALA A 328 20.37 5.63 8.12
C ALA A 328 19.79 6.67 7.19
N PHE A 329 18.65 7.25 7.57
CA PHE A 329 17.95 8.20 6.73
C PHE A 329 18.62 9.56 6.80
N GLY A 330 18.57 10.28 5.69
CA GLY A 330 19.07 11.66 5.62
C GLY A 330 18.34 12.44 4.55
N PHE A 331 18.69 13.73 4.40
CA PHE A 331 18.04 14.61 3.42
C PHE A 331 18.96 15.78 3.11
N ALA A 332 19.25 15.97 1.82
CA ALA A 332 20.16 17.02 1.36
C ALA A 332 19.98 17.25 -0.14
N GLY A 333 19.98 18.52 -0.55
CA GLY A 333 19.79 18.89 -1.96
C GLY A 333 18.41 18.56 -2.51
N GLY A 334 17.38 18.73 -1.68
CA GLY A 334 16.00 18.39 -2.05
C GLY A 334 15.74 16.91 -2.23
N ASN A 335 16.66 16.08 -1.71
CA ASN A 335 16.62 14.63 -1.89
C ASN A 335 16.83 13.83 -0.61
N PHE A 336 16.00 12.81 -0.43
CA PHE A 336 16.15 11.87 0.67
C PHE A 336 17.33 10.96 0.39
N THR A 337 18.00 10.51 1.46
CA THR A 337 19.09 9.54 1.36
C THR A 337 18.90 8.39 2.33
N ILE A 338 19.45 7.24 1.95
CA ILE A 338 19.54 6.06 2.80
C ILE A 338 21.00 5.58 2.75
N ASN A 339 21.67 5.58 3.90
CA ASN A 339 23.10 5.31 3.95
C ASN A 339 23.86 6.14 2.91
N GLY A 340 23.45 7.41 2.80
CA GLY A 340 24.15 8.42 1.99
C GLY A 340 23.74 8.49 0.53
N ALA A 341 23.02 7.47 0.06
CA ALA A 341 22.65 7.37 -1.34
C ALA A 341 21.17 7.69 -1.53
N SER A 342 20.88 8.39 -2.62
CA SER A 342 19.52 8.73 -3.00
C SER A 342 19.09 7.92 -4.22
N PHE A 343 17.89 7.34 -4.21
CA PHE A 343 17.43 6.54 -5.35
C PHE A 343 17.05 7.42 -6.54
N THR A 344 17.65 7.11 -7.68
CA THR A 344 17.29 7.71 -8.97
C THR A 344 16.98 6.54 -9.92
N PRO A 345 15.85 6.59 -10.66
CA PRO A 345 15.51 5.46 -11.54
C PRO A 345 16.57 5.21 -12.61
N PRO A 346 17.13 3.98 -12.67
CA PRO A 346 18.12 3.69 -13.71
C PRO A 346 17.43 3.53 -15.07
N THR A 347 18.15 3.73 -16.17
CA THR A 347 17.52 3.63 -17.49
C THR A 347 17.27 2.16 -17.86
N VAL A 348 18.15 1.28 -17.39
CA VAL A 348 17.96 -0.16 -17.55
C VAL A 348 17.36 -0.71 -16.24
N PRO A 349 16.14 -1.30 -16.31
CA PRO A 349 15.53 -1.77 -15.06
C PRO A 349 16.42 -2.78 -14.33
N VAL A 350 16.43 -2.72 -12.99
CA VAL A 350 17.33 -3.53 -12.18
C VAL A 350 17.20 -5.00 -12.55
N LEU A 351 15.97 -5.51 -12.70
CA LEU A 351 15.77 -6.90 -13.11
C LEU A 351 16.47 -7.21 -14.45
N LEU A 352 16.40 -6.29 -15.41
CA LEU A 352 17.04 -6.54 -16.71
C LEU A 352 18.56 -6.55 -16.59
N GLN A 353 19.11 -5.74 -15.67
CA GLN A 353 20.55 -5.65 -15.43
C GLN A 353 21.05 -7.02 -14.96
N ILE A 354 20.34 -7.61 -14.00
CA ILE A 354 20.66 -8.93 -13.51
C ILE A 354 20.56 -9.95 -14.63
N LEU A 355 19.43 -9.97 -15.35
CA LEU A 355 19.29 -10.90 -16.47
C LEU A 355 20.38 -10.69 -17.51
N SER A 356 20.90 -9.46 -17.57
CA SER A 356 21.92 -9.08 -18.57
C SER A 356 23.34 -9.41 -18.14
N GLY A 357 23.53 -9.89 -16.91
CA GLY A 357 24.84 -10.32 -16.46
C GLY A 357 25.42 -9.62 -15.24
N ALA A 358 24.66 -8.71 -14.64
CA ALA A 358 25.09 -8.08 -13.40
C ALA A 358 25.20 -9.16 -12.32
N GLN A 359 26.29 -9.14 -11.57
CA GLN A 359 26.61 -10.23 -10.64
C GLN A 359 26.59 -9.77 -9.20
N SER A 360 26.67 -8.46 -8.98
CA SER A 360 26.84 -7.96 -7.63
C SER A 360 26.19 -6.60 -7.46
N ALA A 361 26.10 -6.15 -6.22
CA ALA A 361 25.51 -4.87 -5.89
C ALA A 361 26.32 -3.73 -6.49
N ALA A 362 27.64 -3.87 -6.48
CA ALA A 362 28.54 -2.86 -7.06
C ALA A 362 28.38 -2.70 -8.58
N ASP A 363 27.84 -3.73 -9.24
CA ASP A 363 27.56 -3.72 -10.69
C ASP A 363 26.26 -2.99 -10.95
N LEU A 364 25.35 -3.07 -10.00
CA LEU A 364 23.97 -2.70 -10.22
C LEU A 364 23.74 -1.21 -10.06
N LEU A 365 23.06 -0.63 -11.04
CA LEU A 365 22.69 0.76 -10.99
C LEU A 365 21.26 0.86 -10.43
N PRO A 366 21.01 1.85 -9.55
CA PRO A 366 21.91 2.97 -9.25
C PRO A 366 22.94 2.69 -8.15
N ALA A 367 24.13 3.23 -8.35
CA ALA A 367 25.26 2.99 -7.45
C ALA A 367 24.92 3.44 -6.03
N GLY A 368 25.23 2.58 -5.06
CA GLY A 368 24.99 2.89 -3.65
C GLY A 368 23.57 2.61 -3.14
N SER A 369 22.65 2.28 -4.05
CA SER A 369 21.24 2.10 -3.70
C SER A 369 20.73 0.66 -3.71
N VAL A 370 21.61 -0.29 -4.05
CA VAL A 370 21.25 -1.70 -4.17
C VAL A 370 22.02 -2.55 -3.14
N TYR A 371 21.29 -3.41 -2.43
CA TYR A 371 21.89 -4.31 -1.44
C TYR A 371 21.74 -5.76 -1.87
N SER A 372 22.85 -6.50 -1.85
CA SER A 372 22.81 -7.91 -2.18
C SER A 372 22.40 -8.69 -0.93
N LEU A 373 21.43 -9.59 -1.07
CA LEU A 373 21.07 -10.47 0.06
C LEU A 373 21.26 -11.93 -0.32
N PRO A 374 21.79 -12.72 0.62
CA PRO A 374 22.01 -14.15 0.39
C PRO A 374 20.71 -14.92 0.30
N ALA A 375 20.75 -16.07 -0.38
CA ALA A 375 19.58 -16.90 -0.53
C ALA A 375 19.32 -17.64 0.77
N ASN A 376 18.05 -17.87 1.05
CA ASN A 376 17.63 -18.83 2.07
C ASN A 376 18.10 -18.50 3.47
N ALA A 377 18.05 -17.22 3.81
CA ALA A 377 18.63 -16.70 5.03
C ALA A 377 17.63 -15.92 5.89
N ASP A 378 18.06 -15.51 7.09
CA ASP A 378 17.32 -14.61 7.97
C ASP A 378 17.93 -13.22 7.88
N ILE A 379 17.10 -12.21 7.66
CA ILE A 379 17.58 -10.85 7.55
C ILE A 379 16.95 -10.03 8.66
N GLU A 380 17.71 -9.09 9.22
CA GLU A 380 17.18 -8.11 10.15
C GLU A 380 17.52 -6.70 9.65
N ILE A 381 16.52 -5.84 9.57
CA ILE A 381 16.75 -4.48 9.11
C ILE A 381 16.18 -3.51 10.13
N SER A 382 17.02 -2.58 10.58
CA SER A 382 16.61 -1.51 11.47
C SER A 382 16.48 -0.23 10.64
N LEU A 383 15.44 0.53 10.94
CA LEU A 383 15.12 1.75 10.23
C LEU A 383 14.94 2.89 11.26
N PRO A 384 16.02 3.26 11.98
CA PRO A 384 15.88 4.26 13.05
C PRO A 384 15.37 5.60 12.50
N ALA A 385 14.23 6.07 13.02
CA ALA A 385 13.66 7.35 12.61
C ALA A 385 14.57 8.50 13.06
N THR A 386 14.54 9.60 12.32
CA THR A 386 15.44 10.73 12.59
C THR A 386 14.85 11.99 11.99
N ALA A 387 15.22 13.13 12.56
CA ALA A 387 14.70 14.43 12.09
C ALA A 387 15.34 14.87 10.76
N ALA A 388 16.48 14.27 10.43
CA ALA A 388 17.20 14.55 9.19
C ALA A 388 16.38 14.16 7.94
N ALA A 389 15.36 13.35 8.16
CA ALA A 389 14.41 12.94 7.14
C ALA A 389 13.00 13.50 7.47
N PRO A 390 12.74 14.76 7.08
CA PRO A 390 11.47 15.42 7.43
C PRO A 390 10.25 14.72 6.85
N GLY A 391 9.09 14.97 7.47
CA GLY A 391 7.85 14.31 7.07
C GLY A 391 7.63 12.95 7.70
N PHE A 392 8.37 12.63 8.76
CA PHE A 392 8.08 11.44 9.57
C PHE A 392 6.65 11.52 10.15
N PRO A 393 6.02 10.39 10.51
CA PRO A 393 6.48 8.99 10.45
C PRO A 393 6.43 8.40 9.04
N HIS A 394 7.58 7.89 8.58
CA HIS A 394 7.71 7.26 7.26
C HIS A 394 7.31 5.78 7.28
N PRO A 395 6.22 5.43 6.56
CA PRO A 395 5.81 4.02 6.45
C PRO A 395 6.64 3.30 5.38
N PHE A 396 7.47 2.34 5.80
CA PHE A 396 8.30 1.61 4.85
C PHE A 396 7.66 0.29 4.43
N HIS A 397 7.82 -0.02 3.15
CA HIS A 397 7.22 -1.19 2.51
C HIS A 397 8.35 -2.01 1.92
N LEU A 398 8.32 -3.32 2.15
CA LEU A 398 9.22 -4.25 1.49
C LEU A 398 8.43 -5.05 0.49
N HIS A 399 8.87 -5.04 -0.76
CA HIS A 399 8.23 -5.83 -1.82
C HIS A 399 8.63 -7.31 -1.71
N GLY A 400 7.76 -8.18 -2.20
CA GLY A 400 8.05 -9.62 -2.30
C GLY A 400 8.06 -10.41 -1.00
N HIS A 401 7.65 -9.77 0.10
CA HIS A 401 7.85 -10.36 1.42
C HIS A 401 6.87 -9.85 2.47
N VAL A 402 6.62 -10.71 3.45
CA VAL A 402 6.01 -10.32 4.71
C VAL A 402 7.17 -10.25 5.72
N PHE A 403 7.09 -9.39 6.71
CA PHE A 403 8.15 -9.35 7.70
C PHE A 403 7.64 -9.34 9.12
N ALA A 404 8.47 -9.80 10.04
CA ALA A 404 8.17 -9.72 11.46
C ALA A 404 8.57 -8.34 11.95
N VAL A 405 7.67 -7.66 12.65
CA VAL A 405 8.00 -6.35 13.20
C VAL A 405 8.48 -6.62 14.60
N VAL A 406 9.77 -6.86 14.78
CA VAL A 406 10.26 -7.22 16.10
C VAL A 406 10.21 -6.03 17.06
N ARG A 407 10.29 -4.83 16.50
CA ARG A 407 10.13 -3.62 17.28
C ARG A 407 9.31 -2.57 16.56
N SER A 408 8.25 -2.09 17.21
CA SER A 408 7.31 -1.14 16.64
C SER A 408 7.61 0.30 17.06
N ALA A 409 7.04 1.27 16.34
CA ALA A 409 7.15 2.65 16.76
C ALA A 409 6.38 2.87 18.05
N GLY A 410 6.99 3.64 18.96
CA GLY A 410 6.35 4.03 20.21
C GLY A 410 6.60 3.01 21.30
N SER A 411 7.36 1.97 20.95
CA SER A 411 7.71 0.88 21.86
C SER A 411 9.23 0.80 22.02
N SER A 412 9.68 0.50 23.24
CA SER A 412 11.12 0.38 23.55
C SER A 412 11.59 -1.06 23.58
N THR A 413 10.64 -1.98 23.42
CA THR A 413 10.86 -3.40 23.59
C THR A 413 10.99 -4.13 22.25
N TYR A 414 11.67 -5.28 22.26
CA TYR A 414 11.77 -6.18 21.11
C TYR A 414 10.94 -7.45 21.38
N ASN A 415 10.19 -7.89 20.37
CA ASN A 415 9.45 -9.15 20.49
C ASN A 415 9.86 -10.11 19.36
N TYR A 416 10.51 -11.19 19.73
CA TYR A 416 10.95 -12.20 18.78
C TYR A 416 10.07 -13.42 18.83
N ALA A 417 9.32 -13.54 19.92
CA ALA A 417 8.52 -14.73 20.23
C ALA A 417 7.21 -14.81 19.43
N ASN A 418 6.50 -13.69 19.32
CA ASN A 418 5.19 -13.70 18.64
C ASN A 418 4.76 -12.35 18.10
N PRO A 419 5.67 -11.70 17.33
CA PRO A 419 5.37 -10.36 16.86
C PRO A 419 4.36 -10.41 15.73
N VAL A 420 3.69 -9.29 15.49
CA VAL A 420 2.85 -9.16 14.31
C VAL A 420 3.76 -9.28 13.08
N TYR A 421 3.21 -9.85 12.00
CA TYR A 421 3.83 -9.81 10.69
C TYR A 421 2.98 -8.93 9.79
N ARG A 422 3.63 -8.13 8.95
CA ARG A 422 2.91 -7.29 8.01
C ARG A 422 3.83 -6.96 6.84
N ASP A 423 3.46 -5.99 6.00
CA ASP A 423 4.34 -5.61 4.90
C ASP A 423 4.53 -4.11 4.71
N VAL A 424 3.80 -3.29 5.49
CA VAL A 424 4.11 -1.85 5.57
C VAL A 424 4.17 -1.50 7.05
N VAL A 425 5.22 -0.79 7.45
CA VAL A 425 5.41 -0.45 8.85
C VAL A 425 5.84 0.99 9.03
N SER A 426 5.21 1.70 9.97
CA SER A 426 5.62 3.03 10.33
C SER A 426 6.95 2.98 11.06
N THR A 427 7.92 3.75 10.60
CA THR A 427 9.23 3.82 11.23
C THR A 427 9.23 4.85 12.36
N GLY A 428 8.09 5.52 12.53
CA GLY A 428 7.83 6.35 13.72
C GLY A 428 8.46 7.71 13.79
N ALA A 429 8.83 8.09 15.00
CA ALA A 429 9.30 9.44 15.31
C ALA A 429 10.77 9.38 15.79
N PRO A 430 11.50 10.51 15.70
CA PRO A 430 12.91 10.48 16.13
C PRO A 430 13.07 9.85 17.50
N GLY A 431 14.02 8.92 17.64
CA GLY A 431 14.15 8.12 18.87
C GLY A 431 13.67 6.68 18.70
N ASP A 432 12.73 6.45 17.78
CA ASP A 432 12.30 5.08 17.43
C ASP A 432 13.40 4.28 16.72
N ASN A 433 13.29 2.96 16.76
CA ASN A 433 14.20 2.10 16.01
C ASN A 433 13.43 0.85 15.56
N VAL A 434 12.45 1.09 14.68
CA VAL A 434 11.57 0.07 14.16
C VAL A 434 12.47 -0.94 13.49
N THR A 435 12.28 -2.20 13.85
CA THR A 435 13.18 -3.25 13.42
C THR A 435 12.39 -4.42 12.88
N ILE A 436 12.75 -4.86 11.68
CA ILE A 436 12.03 -5.93 10.99
C ILE A 436 12.95 -7.12 10.66
N ARG A 437 12.35 -8.30 10.53
CA ARG A 437 13.04 -9.51 10.08
C ARG A 437 12.19 -10.24 9.05
N PHE A 438 12.87 -10.72 8.00
CA PHE A 438 12.24 -11.61 7.03
C PHE A 438 13.22 -12.71 6.61
N ARG A 439 12.74 -13.62 5.77
CA ARG A 439 13.52 -14.71 5.23
C ARG A 439 13.69 -14.44 3.75
N THR A 440 14.89 -14.68 3.23
CA THR A 440 15.12 -14.56 1.80
C THR A 440 14.68 -15.82 1.06
N ASP A 441 13.37 -15.93 0.82
CA ASP A 441 12.76 -17.11 0.20
C ASP A 441 12.21 -16.80 -1.19
N ASN A 442 12.69 -15.71 -1.79
CA ASN A 442 12.04 -15.17 -2.99
C ASN A 442 13.05 -14.42 -3.86
N PRO A 443 13.77 -15.15 -4.74
CA PRO A 443 14.84 -14.52 -5.52
C PRO A 443 14.33 -13.44 -6.46
N GLY A 444 15.07 -12.32 -6.52
CA GLY A 444 14.70 -11.17 -7.35
C GLY A 444 15.09 -9.84 -6.72
N PRO A 445 15.10 -8.76 -7.52
CA PRO A 445 15.25 -7.45 -6.91
C PRO A 445 13.90 -6.94 -6.40
N TRP A 446 13.88 -6.55 -5.12
CA TRP A 446 12.67 -6.04 -4.48
C TRP A 446 12.89 -4.66 -3.88
N PHE A 447 11.95 -3.77 -4.18
CA PHE A 447 11.99 -2.40 -3.70
C PHE A 447 11.76 -2.39 -2.20
N LEU A 448 12.46 -1.51 -1.51
CA LEU A 448 12.24 -1.22 -0.10
C LEU A 448 12.25 0.31 0.01
N HIS A 449 11.09 0.88 0.29
CA HIS A 449 10.93 2.34 0.20
C HIS A 449 9.82 2.91 1.07
N CYS A 450 9.88 4.23 1.27
CA CYS A 450 8.86 4.95 2.00
C CYS A 450 7.63 5.03 1.13
N HIS A 451 6.50 4.64 1.69
CA HIS A 451 5.28 4.63 0.91
C HIS A 451 4.56 5.99 0.82
N ILE A 452 5.13 7.03 1.43
CA ILE A 452 4.76 8.39 1.08
C ILE A 452 5.39 8.63 -0.30
N ASP A 453 4.52 8.74 -1.30
CA ASP A 453 4.97 8.64 -2.70
C ASP A 453 5.86 9.81 -3.10
N PHE A 454 5.57 10.98 -2.55
CA PHE A 454 6.35 12.18 -2.79
C PHE A 454 7.77 12.06 -2.23
N HIS A 455 7.96 11.17 -1.26
CA HIS A 455 9.28 10.91 -0.69
C HIS A 455 10.07 9.92 -1.56
N LEU A 456 9.42 8.85 -1.98
CA LEU A 456 9.94 7.93 -2.97
C LEU A 456 10.43 8.67 -4.22
N GLU A 457 9.59 9.55 -4.76
CA GLU A 457 9.93 10.43 -5.89
C GLU A 457 11.23 11.24 -5.65
N ALA A 458 11.40 11.70 -4.42
CA ALA A 458 12.61 12.43 -4.01
C ALA A 458 13.70 11.46 -3.52
N GLY A 459 13.59 10.19 -3.92
CA GLY A 459 14.63 9.19 -3.72
C GLY A 459 14.66 8.36 -2.44
N PHE A 460 13.57 8.35 -1.66
CA PHE A 460 13.57 7.63 -0.36
C PHE A 460 13.37 6.12 -0.52
N ALA A 461 14.39 5.44 -1.01
CA ALA A 461 14.26 4.03 -1.43
C ALA A 461 15.58 3.34 -1.63
N VAL A 462 15.58 2.03 -1.38
CA VAL A 462 16.66 1.14 -1.79
C VAL A 462 16.12 -0.11 -2.48
N VAL A 463 17.01 -0.87 -3.12
CA VAL A 463 16.63 -2.10 -3.79
C VAL A 463 17.32 -3.28 -3.13
N MET A 464 16.54 -4.27 -2.71
CA MET A 464 17.08 -5.51 -2.17
C MET A 464 17.28 -6.49 -3.31
N ALA A 465 18.54 -6.74 -3.69
CA ALA A 465 18.82 -7.71 -4.75
C ALA A 465 19.01 -9.09 -4.13
N GLU A 466 17.93 -9.84 -4.05
CA GLU A 466 17.94 -11.06 -3.29
C GLU A 466 18.29 -12.26 -4.16
N ASP A 467 19.32 -12.99 -3.74
CA ASP A 467 19.80 -14.20 -4.42
C ASP A 467 20.07 -13.97 -5.92
N ILE A 468 20.88 -12.97 -6.24
CA ILE A 468 21.22 -12.68 -7.62
C ILE A 468 21.48 -13.94 -8.50
N PRO A 469 22.33 -14.88 -8.03
CA PRO A 469 22.63 -16.03 -8.89
C PRO A 469 21.42 -16.82 -9.38
N ASP A 470 20.31 -16.78 -8.66
CA ASP A 470 19.13 -17.58 -9.02
C ASP A 470 17.99 -16.76 -9.62
N VAL A 471 18.23 -15.47 -9.80
CA VAL A 471 17.18 -14.56 -10.26
C VAL A 471 16.67 -14.96 -11.65
N ALA A 472 17.59 -15.08 -12.62
CA ALA A 472 17.21 -15.39 -14.01
C ALA A 472 16.48 -16.73 -14.15
N ALA A 473 16.97 -17.77 -13.48
CA ALA A 473 16.37 -19.11 -13.60
C ALA A 473 15.01 -19.23 -12.90
N THR A 474 14.86 -18.54 -11.78
CA THR A 474 13.62 -18.54 -10.99
C THR A 474 12.52 -17.66 -11.63
N ASN A 475 12.91 -16.66 -12.42
CA ASN A 475 11.97 -15.68 -12.94
C ASN A 475 11.96 -15.57 -14.46
N PRO A 476 11.57 -16.66 -15.16
CA PRO A 476 11.55 -16.58 -16.62
C PRO A 476 10.54 -15.52 -17.06
N VAL A 477 10.93 -14.70 -18.03
CA VAL A 477 10.11 -13.56 -18.45
C VAL A 477 9.38 -13.80 -19.77
N PRO A 478 8.11 -13.32 -19.86
CA PRO A 478 7.41 -13.45 -21.14
C PRO A 478 7.99 -12.49 -22.18
N GLN A 479 7.75 -12.77 -23.45
CA GLN A 479 8.28 -11.92 -24.52
C GLN A 479 7.68 -10.50 -24.45
N ALA A 480 6.46 -10.37 -23.96
CA ALA A 480 5.83 -9.05 -23.90
C ALA A 480 6.54 -8.17 -22.85
N TRP A 481 7.07 -8.79 -21.81
CA TRP A 481 7.90 -8.07 -20.84
C TRP A 481 9.22 -7.61 -21.48
N SER A 482 9.84 -8.50 -22.26
CA SER A 482 11.09 -8.20 -22.95
C SER A 482 10.92 -7.08 -23.96
N ASP A 483 9.71 -6.88 -24.45
CA ASP A 483 9.45 -5.84 -25.43
C ASP A 483 9.25 -4.46 -24.79
N LEU A 484 9.08 -4.41 -23.46
CA LEU A 484 8.71 -3.13 -22.81
C LEU A 484 9.76 -2.05 -22.99
N CYS A 485 11.02 -2.39 -22.71
CA CYS A 485 12.12 -1.42 -22.76
C CYS A 485 12.39 -0.89 -24.16
N PRO A 486 12.50 -1.78 -25.18
CA PRO A 486 12.70 -1.19 -26.52
C PRO A 486 11.58 -0.26 -26.94
N THR A 487 10.33 -0.61 -26.63
CA THR A 487 9.17 0.27 -26.92
C THR A 487 9.22 1.62 -26.18
N TYR A 488 9.52 1.59 -24.88
CA TYR A 488 9.57 2.80 -24.05
C TYR A 488 10.72 3.74 -24.42
N ASP A 489 11.87 3.15 -24.74
CA ASP A 489 13.07 3.92 -25.04
C ASP A 489 12.95 4.64 -26.38
N ALA A 490 12.10 4.12 -27.26
CA ALA A 490 11.86 4.76 -28.54
C ALA A 490 10.98 6.01 -28.40
N LEU A 491 10.19 6.11 -27.32
CA LEU A 491 9.30 7.26 -27.12
C LEU A 491 10.07 8.56 -26.98
N SER A 492 9.58 9.62 -27.60
CA SER A 492 10.12 10.94 -27.32
C SER A 492 9.62 11.37 -25.94
N PRO A 493 10.43 12.16 -25.22
CA PRO A 493 10.12 12.56 -23.84
C PRO A 493 8.71 13.10 -23.59
N ASP A 494 8.11 13.79 -24.56
CA ASP A 494 6.75 14.34 -24.38
C ASP A 494 5.66 13.26 -24.34
N ASP A 495 5.97 12.09 -24.87
CA ASP A 495 5.04 10.96 -24.87
C ASP A 495 5.21 9.99 -23.69
N GLN A 496 6.13 10.30 -22.77
CA GLN A 496 6.44 9.40 -21.65
C GLN A 496 5.37 9.42 -20.55
C1 NAG B . -3.63 16.95 -18.17
C2 NAG B . -4.70 17.98 -18.56
C3 NAG B . -4.42 19.31 -17.86
C4 NAG B . -4.27 19.09 -16.35
C5 NAG B . -3.22 17.99 -16.12
C6 NAG B . -2.96 17.76 -14.63
C7 NAG B . -5.99 18.04 -20.68
C8 NAG B . -5.90 18.23 -22.17
N2 NAG B . -4.83 18.14 -20.00
O3 NAG B . -5.53 20.14 -18.09
O4 NAG B . -3.75 20.21 -15.66
O5 NAG B . -3.58 16.79 -16.77
O6 NAG B . -4.08 17.11 -14.07
O7 NAG B . -7.09 17.82 -20.17
C1 NAG B . -4.70 21.27 -15.40
C2 NAG B . -4.80 21.58 -13.90
C3 NAG B . -5.67 22.83 -13.64
C4 NAG B . -5.40 23.98 -14.64
C5 NAG B . -5.26 23.45 -16.07
C6 NAG B . -4.92 24.54 -17.09
C7 NAG B . -4.80 19.81 -12.17
C8 NAG B . -5.56 18.63 -11.62
N2 NAG B . -5.37 20.43 -13.21
O3 NAG B . -5.48 23.26 -12.31
O4 NAG B . -6.46 24.92 -14.64
O5 NAG B . -4.28 22.44 -16.09
O6 NAG B . -3.54 24.83 -17.03
O7 NAG B . -3.72 20.13 -11.67
C1 NAG C . 19.00 0.89 15.87
C2 NAG C . 20.20 1.74 16.34
C3 NAG C . 21.48 1.30 15.64
C4 NAG C . 21.64 -0.21 15.75
C5 NAG C . 20.40 -0.91 15.20
C6 NAG C . 20.57 -2.43 15.25
C7 NAG C . 19.49 3.96 17.01
C8 NAG C . 19.37 5.40 16.65
N2 NAG C . 20.01 3.15 16.10
O3 NAG C . 22.58 1.94 16.26
O4 NAG C . 22.79 -0.59 15.03
O5 NAG C . 19.27 -0.50 15.96
O6 NAG C . 20.74 -2.86 16.57
O7 NAG C . 19.11 3.57 18.12
C1 NAG D . 24.31 -2.13 16.52
C2 NAG D . 24.97 -2.06 15.15
C3 NAG D . 26.43 -2.48 15.33
C4 NAG D . 27.02 -1.95 16.64
C5 NAG D . 26.18 -0.90 17.41
C6 NAG D . 26.64 0.53 17.03
C7 NAG D . 24.08 -2.58 12.89
C8 NAG D . 24.58 -1.28 12.33
N2 NAG D . 24.28 -2.90 14.17
O3 NAG D . 27.20 -2.02 14.23
O4 NAG D . 27.29 -3.04 17.51
O5 NAG D . 24.76 -1.02 17.26
O6 NAG D . 25.75 1.51 17.51
O7 NAG D . 23.50 -3.36 12.14
CU CU E . 8.54 9.26 3.94
CU CU F . 6.76 -0.02 -3.86
CU CU G . 2.17 -0.19 -2.47
CU CU H . 4.18 -3.62 -2.53
C1 BMA I . -7.05 27.67 -14.30
C2 BMA I . -7.44 29.05 -13.76
C3 BMA I . -6.19 29.78 -13.26
C4 BMA I . -5.29 28.90 -12.37
C5 BMA I . -5.14 27.46 -12.87
C6 BMA I . -4.53 26.57 -11.78
O1 BMA I . -8.22 26.97 -14.73
O2 BMA I . -8.40 28.90 -12.72
O3 BMA I . -6.57 30.96 -12.55
O4 BMA I . -3.99 29.52 -12.31
O5 BMA I . -6.41 26.93 -13.25
O6 BMA I . -3.25 26.09 -12.20
C1 BMA J . -6.86 30.96 -17.51
C2 BMA J . -6.63 32.21 -16.65
C3 BMA J . -5.13 32.45 -16.40
C4 BMA J . -4.40 31.18 -15.97
C5 BMA J . -4.74 29.99 -16.86
C6 BMA J . -4.12 28.70 -16.32
O1 BMA J . -8.27 30.69 -17.57
O2 BMA J . -7.34 32.11 -15.41
O3 BMA J . -4.96 33.48 -15.42
O4 BMA J . -2.98 31.43 -15.99
O5 BMA J . -6.17 29.83 -16.95
O6 BMA J . -3.62 27.91 -17.41
C1 BMA K . 31.32 -3.87 20.03
C2 BMA K . 30.37 -4.54 19.03
C3 BMA K . 30.56 -3.98 17.61
C4 BMA K . 30.64 -2.46 17.58
C5 BMA K . 31.62 -1.92 18.63
C6 BMA K . 31.61 -0.39 18.67
O1 BMA K . 30.95 -4.24 21.36
O2 BMA K . 29.00 -4.38 19.44
O3 BMA K . 29.49 -4.41 16.75
O4 BMA K . 31.01 -2.03 16.27
O5 BMA K . 31.29 -2.43 19.93
O6 BMA K . 32.59 0.07 19.60
#